data_3I4S
#
_entry.id   3I4S
#
_cell.length_a   104.020
_cell.length_b   104.020
_cell.length_c   53.563
_cell.angle_alpha   90.00
_cell.angle_beta   90.00
_cell.angle_gamma   90.00
#
_symmetry.space_group_name_H-M   'P 41 21 2'
#
loop_
_entity.id
_entity.type
_entity.pdbx_description
1 polymer 'HISTIDINE TRIAD PROTEIN'
2 non-polymer GLYCEROL
3 water water
#
_entity_poly.entity_id   1
_entity_poly.type   'polypeptide(L)'
_entity_poly.pdbx_seq_one_letter_code
;MSLSEPAWSLHSRLKEDTIDIGDLPLSKVLVIKDANYPWLLLVPRRPDAVEIIDLDEVQQAQLMTEISRVSRALKEITKC
DKLNIAALGNLVPQLHVHIIARRTGDAAWPRPVWGVMQPLAHDATEVQNFISALRRKIWLGEGHHHHHH
;
_entity_poly.pdbx_strand_id   A,B
#
# COMPACT_ATOMS: atom_id res chain seq x y z
N ALA A 7 -20.82 17.08 5.30
CA ALA A 7 -19.70 17.39 4.36
C ALA A 7 -18.41 16.81 4.89
N TRP A 8 -17.55 16.36 3.98
CA TRP A 8 -16.29 15.71 4.35
C TRP A 8 -15.37 16.63 5.14
N SER A 9 -14.66 16.06 6.12
CA SER A 9 -13.61 16.76 6.84
C SER A 9 -12.44 15.84 7.11
N LEU A 10 -11.25 16.41 7.12
CA LEU A 10 -10.03 15.67 7.39
C LEU A 10 -10.00 15.31 8.87
N HIS A 11 -9.65 14.06 9.15
CA HIS A 11 -9.48 13.57 10.50
C HIS A 11 -8.48 14.43 11.27
N SER A 12 -8.84 14.77 12.50
CA SER A 12 -8.01 15.65 13.34
C SER A 12 -6.54 15.22 13.49
N ARG A 13 -6.29 13.92 13.57
CA ARG A 13 -4.90 13.41 13.68
C ARG A 13 -4.12 13.63 12.37
N LEU A 14 -4.78 13.38 11.24
CA LEU A 14 -4.20 13.66 9.92
C LEU A 14 -3.93 15.16 9.73
N LYS A 15 -4.87 16.00 10.16
CA LYS A 15 -4.71 17.46 10.08
C LYS A 15 -3.52 17.93 10.90
N GLU A 16 -3.37 17.37 12.11
CA GLU A 16 -2.26 17.69 12.99
C GLU A 16 -0.89 17.31 12.40
N ASP A 17 -0.85 16.19 11.68
CA ASP A 17 0.43 15.64 11.22
C ASP A 17 0.79 15.97 9.77
N THR A 18 0.01 16.83 9.13
CA THR A 18 0.23 17.14 7.72
C THR A 18 0.18 18.63 7.39
N ILE A 19 0.60 18.95 6.16
CA ILE A 19 0.46 20.27 5.58
C ILE A 19 -0.37 20.06 4.33
N ASP A 20 -1.40 20.86 4.13
CA ASP A 20 -2.32 20.74 3.00
C ASP A 20 -1.70 21.35 1.75
N ILE A 21 -1.55 20.57 0.69
CA ILE A 21 -0.98 21.15 -0.52
C ILE A 21 -1.93 21.29 -1.69
N GLY A 22 -3.07 20.58 -1.65
CA GLY A 22 -4.13 20.79 -2.65
C GLY A 22 -5.10 19.65 -2.77
N ASP A 23 -6.01 19.75 -3.73
CA ASP A 23 -7.03 18.75 -3.91
C ASP A 23 -7.09 18.24 -5.36
N LEU A 24 -7.17 16.92 -5.49
CA LEU A 24 -7.45 16.27 -6.75
C LEU A 24 -8.96 16.02 -6.76
N PRO A 25 -9.53 15.54 -7.91
CA PRO A 25 -10.98 15.30 -7.91
C PRO A 25 -11.48 14.44 -6.77
N LEU A 26 -10.77 13.36 -6.45
CA LEU A 26 -11.15 12.50 -5.32
C LEU A 26 -10.44 12.87 -4.01
N SER A 27 -9.13 12.97 -4.08
CA SER A 27 -8.29 13.00 -2.87
C SER A 27 -7.74 14.36 -2.51
N LYS A 28 -7.72 14.64 -1.21
CA LYS A 28 -6.88 15.70 -0.67
C LYS A 28 -5.44 15.21 -0.65
N VAL A 29 -4.53 16.09 -1.06
CA VAL A 29 -3.10 15.80 -1.12
C VAL A 29 -2.38 16.53 -0.01
N LEU A 30 -1.66 15.77 0.81
CA LEU A 30 -1.04 16.29 2.01
C LEU A 30 0.41 15.90 2.06
N VAL A 31 1.24 16.74 2.69
CA VAL A 31 2.63 16.37 3.00
C VAL A 31 2.76 16.08 4.49
N ILE A 32 3.29 14.91 4.82
CA ILE A 32 3.50 14.54 6.21
C ILE A 32 4.59 15.41 6.88
N LYS A 33 4.28 15.89 8.09
CA LYS A 33 5.24 16.61 8.92
C LYS A 33 6.30 15.68 9.52
N ASP A 34 7.07 15.04 8.66
CA ASP A 34 8.19 14.25 9.10
C ASP A 34 9.18 14.32 7.95
N ALA A 35 10.22 15.10 8.15
CA ALA A 35 11.23 15.39 7.13
C ALA A 35 12.26 14.29 6.93
N ASN A 36 12.10 13.15 7.64
CA ASN A 36 12.98 12.01 7.42
C ASN A 36 12.84 11.48 5.98
N TYR A 37 11.62 11.59 5.44
CA TYR A 37 11.31 11.04 4.10
C TYR A 37 10.40 12.01 3.36
N PRO A 38 10.54 12.12 2.03
CA PRO A 38 9.52 12.81 1.26
C PRO A 38 8.24 11.97 1.26
N TRP A 39 7.24 12.42 2.01
CA TRP A 39 6.17 11.54 2.44
C TRP A 39 4.83 12.26 2.26
N LEU A 40 3.99 11.69 1.39
CA LEU A 40 2.68 12.26 1.09
C LEU A 40 1.53 11.38 1.55
N LEU A 41 0.35 11.97 1.74
CA LEU A 41 -0.91 11.22 1.86
C LEU A 41 -1.89 11.65 0.80
N LEU A 42 -2.64 10.69 0.28
CA LEU A 42 -3.86 10.98 -0.48
C LEU A 42 -5.02 10.57 0.42
N VAL A 43 -5.94 11.51 0.66
CA VAL A 43 -7.12 11.23 1.49
C VAL A 43 -8.39 11.44 0.68
N PRO A 44 -8.97 10.34 0.16
CA PRO A 44 -10.25 10.43 -0.56
C PRO A 44 -11.30 11.17 0.26
N ARG A 45 -11.97 12.14 -0.37
CA ARG A 45 -12.89 12.99 0.38
C ARG A 45 -14.29 12.39 0.38
N ARG A 46 -14.38 11.13 0.79
CA ARG A 46 -15.67 10.44 0.92
C ARG A 46 -15.94 10.25 2.40
N PRO A 47 -17.04 10.85 2.91
CA PRO A 47 -17.36 10.71 4.33
C PRO A 47 -17.42 9.25 4.75
N ASP A 48 -16.77 8.95 5.88
CA ASP A 48 -16.85 7.64 6.55
C ASP A 48 -16.01 6.51 5.93
N ALA A 49 -15.28 6.80 4.85
CA ALA A 49 -14.45 5.79 4.18
C ALA A 49 -13.32 5.35 5.09
N VAL A 50 -13.18 4.02 5.25
CA VAL A 50 -12.14 3.43 6.10
C VAL A 50 -11.23 2.52 5.28
N GLU A 51 -11.84 1.63 4.52
CA GLU A 51 -11.13 0.72 3.61
C GLU A 51 -11.25 1.21 2.17
N ILE A 52 -10.33 0.80 1.30
CA ILE A 52 -10.47 1.12 -0.13
C ILE A 52 -11.81 0.65 -0.70
N ILE A 53 -12.24 -0.54 -0.29
CA ILE A 53 -13.51 -1.12 -0.72
C ILE A 53 -14.77 -0.36 -0.25
N ASP A 54 -14.59 0.62 0.65
CA ASP A 54 -15.69 1.52 1.05
C ASP A 54 -16.02 2.53 -0.06
N LEU A 55 -15.04 2.81 -0.91
CA LEU A 55 -15.25 3.67 -2.08
C LEU A 55 -16.09 2.92 -3.13
N ASP A 56 -16.88 3.65 -3.93
CA ASP A 56 -17.56 2.98 -5.05
C ASP A 56 -16.55 2.67 -6.18
N GLU A 57 -16.97 1.92 -7.20
CA GLU A 57 -16.07 1.47 -8.28
C GLU A 57 -15.39 2.61 -9.03
N VAL A 58 -16.15 3.67 -9.32
CA VAL A 58 -15.60 4.87 -9.97
C VAL A 58 -14.56 5.55 -9.09
N GLN A 59 -14.89 5.68 -7.80
CA GLN A 59 -13.98 6.29 -6.84
C GLN A 59 -12.70 5.47 -6.70
N GLN A 60 -12.82 4.13 -6.68
CA GLN A 60 -11.62 3.28 -6.58
C GLN A 60 -10.75 3.44 -7.83
N ALA A 61 -11.41 3.52 -8.98
CA ALA A 61 -10.71 3.74 -10.24
C ALA A 61 -9.95 5.07 -10.26
N GLN A 62 -10.61 6.14 -9.81
CA GLN A 62 -10.00 7.46 -9.75
C GLN A 62 -8.88 7.47 -8.70
N LEU A 63 -9.07 6.75 -7.61
CA LEU A 63 -8.00 6.64 -6.60
C LEU A 63 -6.73 6.07 -7.21
N MET A 64 -6.85 4.96 -7.97
CA MET A 64 -5.67 4.42 -8.68
C MET A 64 -5.04 5.45 -9.62
N THR A 65 -5.88 6.15 -10.41
CA THR A 65 -5.36 7.24 -11.24
C THR A 65 -4.56 8.26 -10.44
N GLU A 66 -5.08 8.65 -9.28
CA GLU A 66 -4.44 9.68 -8.48
C GLU A 66 -3.16 9.18 -7.81
N ILE A 67 -3.17 7.91 -7.36
CA ILE A 67 -1.98 7.27 -6.77
C ILE A 67 -0.89 7.22 -7.81
N SER A 68 -1.27 6.86 -9.04
CA SER A 68 -0.31 6.76 -10.12
C SER A 68 0.27 8.14 -10.44
N ARG A 69 -0.59 9.16 -10.54
CA ARG A 69 -0.14 10.51 -10.89
C ARG A 69 0.80 11.07 -9.84
N VAL A 70 0.40 10.96 -8.57
CA VAL A 70 1.17 11.54 -7.47
C VAL A 70 2.47 10.76 -7.22
N SER A 71 2.41 9.42 -7.29
CA SER A 71 3.64 8.63 -7.10
C SER A 71 4.64 8.86 -8.24
N ARG A 72 4.15 9.05 -9.46
CA ARG A 72 5.08 9.32 -10.57
C ARG A 72 5.77 10.67 -10.39
N ALA A 73 4.99 11.66 -9.98
CA ALA A 73 5.49 13.01 -9.75
C ALA A 73 6.51 12.99 -8.63
N LEU A 74 6.17 12.25 -7.58
CA LEU A 74 7.09 12.16 -6.45
C LEU A 74 8.44 11.51 -6.80
N LYS A 75 8.41 10.41 -7.55
CA LYS A 75 9.65 9.74 -8.00
C LYS A 75 10.47 10.67 -8.92
N GLU A 76 9.79 11.38 -9.82
CA GLU A 76 10.45 12.34 -10.73
C GLU A 76 11.18 13.46 -9.97
N ILE A 77 10.53 14.02 -8.96
CA ILE A 77 11.09 15.13 -8.20
C ILE A 77 12.25 14.67 -7.27
N THR A 78 12.04 13.53 -6.60
CA THR A 78 13.00 13.06 -5.58
C THR A 78 14.14 12.24 -6.16
N LYS A 79 13.95 11.73 -7.38
CA LYS A 79 14.83 10.71 -7.95
C LYS A 79 15.10 9.59 -6.92
N CYS A 80 14.04 9.13 -6.25
CA CYS A 80 14.19 8.15 -5.18
C CYS A 80 14.49 6.75 -5.73
N ASP A 81 15.02 5.90 -4.86
CA ASP A 81 15.31 4.53 -5.22
C ASP A 81 14.05 3.69 -5.36
N LYS A 82 13.08 3.91 -4.48
CA LYS A 82 11.90 3.05 -4.40
C LYS A 82 10.75 3.79 -3.74
N LEU A 83 9.56 3.70 -4.33
CA LEU A 83 8.35 4.22 -3.71
C LEU A 83 7.77 3.16 -2.77
N ASN A 84 7.15 3.62 -1.68
CA ASN A 84 6.39 2.74 -0.80
C ASN A 84 4.99 3.34 -0.79
N ILE A 85 3.98 2.51 -1.04
CA ILE A 85 2.60 2.99 -1.16
C ILE A 85 1.74 2.10 -0.28
N ALA A 86 0.95 2.68 0.63
CA ALA A 86 0.23 1.83 1.57
C ALA A 86 -1.00 2.47 2.19
N ALA A 87 -2.05 1.68 2.32
CA ALA A 87 -3.24 2.04 3.11
C ALA A 87 -3.23 1.10 4.30
N LEU A 88 -2.90 1.66 5.47
CA LEU A 88 -2.73 0.89 6.69
C LEU A 88 -3.91 1.19 7.63
N GLY A 89 -3.87 2.33 8.31
CA GLY A 89 -5.05 2.86 9.02
C GLY A 89 -5.44 2.14 10.29
N ASN A 90 -4.43 1.61 10.99
CA ASN A 90 -4.67 0.82 12.20
C ASN A 90 -5.14 1.66 13.36
N LEU A 91 -4.74 2.94 13.36
CA LEU A 91 -5.02 3.85 14.45
C LEU A 91 -5.99 4.93 14.02
N VAL A 92 -5.85 5.39 12.77
CA VAL A 92 -6.70 6.45 12.24
C VAL A 92 -7.67 5.84 11.22
N PRO A 93 -8.97 5.83 11.55
CA PRO A 93 -9.97 5.15 10.73
C PRO A 93 -10.14 5.71 9.32
N GLN A 94 -9.92 7.00 9.15
CA GLN A 94 -10.17 7.63 7.87
C GLN A 94 -9.19 7.12 6.80
N LEU A 95 -9.74 6.61 5.70
CA LEU A 95 -8.91 6.09 4.59
C LEU A 95 -7.88 7.12 4.10
N HIS A 96 -6.62 6.71 4.13
CA HIS A 96 -5.54 7.53 3.63
C HIS A 96 -4.46 6.64 3.06
N VAL A 97 -3.91 7.05 1.93
CA VAL A 97 -2.87 6.28 1.26
C VAL A 97 -1.53 7.01 1.40
N HIS A 98 -0.57 6.36 2.07
CA HIS A 98 0.80 6.86 2.13
C HIS A 98 1.46 6.68 0.77
N ILE A 99 2.18 7.70 0.33
CA ILE A 99 3.05 7.60 -0.84
C ILE A 99 4.39 8.19 -0.42
N ILE A 100 5.39 7.32 -0.30
CA ILE A 100 6.64 7.72 0.33
C ILE A 100 7.82 7.41 -0.59
N ALA A 101 8.71 8.38 -0.73
CA ALA A 101 9.91 8.20 -1.53
C ALA A 101 11.02 7.64 -0.63
N ARG A 102 11.60 6.52 -1.02
CA ARG A 102 12.62 5.87 -0.19
C ARG A 102 13.97 5.95 -0.88
N ARG A 103 15.03 6.05 -0.09
CA ARG A 103 16.41 6.11 -0.63
C ARG A 103 17.27 5.19 0.22
N THR A 104 18.29 4.57 -0.38
CA THR A 104 19.12 3.60 0.34
C THR A 104 19.81 4.25 1.55
N GLY A 105 20.02 5.56 1.47
CA GLY A 105 20.63 6.29 2.59
C GLY A 105 19.67 6.81 3.66
N ASP A 106 18.37 6.56 3.51
CA ASP A 106 17.40 7.13 4.45
C ASP A 106 17.38 6.45 5.83
N ALA A 107 16.75 7.10 6.82
CA ALA A 107 16.90 6.74 8.24
C ALA A 107 16.46 5.30 8.60
N ALA A 108 15.50 4.77 7.84
CA ALA A 108 14.92 3.47 8.14
C ALA A 108 15.35 2.38 7.17
N TRP A 109 15.97 2.76 6.05
CA TRP A 109 16.28 1.79 4.98
C TRP A 109 17.00 0.57 5.52
N PRO A 110 16.57 -0.64 5.12
CA PRO A 110 15.51 -1.00 4.15
C PRO A 110 14.13 -1.27 4.76
N ARG A 111 13.96 -0.95 6.03
CA ARG A 111 12.71 -1.21 6.73
C ARG A 111 11.61 -0.30 6.22
N PRO A 112 10.33 -0.72 6.33
CA PRO A 112 9.24 0.25 6.18
C PRO A 112 9.37 1.36 7.23
N VAL A 113 8.94 2.58 6.89
CA VAL A 113 9.26 3.73 7.74
C VAL A 113 8.48 3.80 9.08
N TRP A 114 7.30 3.21 9.13
CA TRP A 114 6.29 3.60 10.15
C TRP A 114 6.75 3.21 11.54
N GLY A 115 6.92 4.23 12.38
CA GLY A 115 7.30 4.01 13.79
C GLY A 115 8.74 3.76 14.06
N VAL A 116 9.58 3.80 13.03
CA VAL A 116 10.99 3.46 13.20
C VAL A 116 11.71 4.60 13.91
N MET A 117 11.67 5.79 13.30
CA MET A 117 12.40 6.95 13.80
C MET A 117 11.45 8.02 14.34
N GLN A 118 11.94 8.80 15.30
CA GLN A 118 11.28 10.05 15.68
C GLN A 118 11.12 10.98 14.47
N PRO A 119 9.94 11.57 14.30
CA PRO A 119 9.71 12.54 13.22
C PRO A 119 10.69 13.73 13.25
N LEU A 120 11.13 14.17 12.08
CA LEU A 120 11.97 15.37 11.97
C LEU A 120 11.13 16.56 11.54
N ALA A 121 11.46 17.73 12.07
CA ALA A 121 10.79 18.96 11.65
C ALA A 121 11.33 19.37 10.30
N HIS A 122 10.44 19.84 9.43
CA HIS A 122 10.87 20.37 8.14
C HIS A 122 11.55 21.72 8.32
N ASP A 123 12.59 21.96 7.54
CA ASP A 123 13.06 23.32 7.29
C ASP A 123 12.00 24.01 6.41
N ALA A 124 11.59 25.22 6.78
CA ALA A 124 10.48 25.90 6.10
C ALA A 124 10.73 26.17 4.61
N THR A 125 11.97 26.48 4.26
CA THR A 125 12.37 26.71 2.86
C THR A 125 12.38 25.44 2.00
N GLU A 126 13.00 24.38 2.54
CA GLU A 126 13.09 23.11 1.81
CA GLU A 126 13.10 23.07 1.86
C GLU A 126 11.72 22.46 1.57
N VAL A 127 10.84 22.49 2.57
CA VAL A 127 9.50 21.95 2.39
C VAL A 127 8.65 22.80 1.44
N GLN A 128 8.81 24.13 1.46
CA GLN A 128 8.08 24.98 0.50
C GLN A 128 8.51 24.69 -0.94
N ASN A 129 9.80 24.47 -1.14
CA ASN A 129 10.36 24.17 -2.46
C ASN A 129 9.88 22.82 -2.98
N PHE A 130 9.81 21.85 -2.05
CA PHE A 130 9.28 20.51 -2.33
C PHE A 130 7.81 20.63 -2.74
N ILE A 131 7.03 21.38 -1.96
CA ILE A 131 5.60 21.63 -2.24
C ILE A 131 5.35 22.27 -3.61
N SER A 132 6.10 23.34 -3.92
CA SER A 132 5.94 24.03 -5.19
CA SER A 132 5.93 24.03 -5.20
C SER A 132 6.27 23.11 -6.37
N ALA A 133 7.34 22.33 -6.22
CA ALA A 133 7.75 21.37 -7.26
C ALA A 133 6.70 20.30 -7.49
N LEU A 134 6.09 19.82 -6.41
CA LEU A 134 4.95 18.88 -6.49
C LEU A 134 3.76 19.50 -7.19
N ARG A 135 3.41 20.72 -6.82
CA ARG A 135 2.23 21.38 -7.40
C ARG A 135 2.39 21.56 -8.90
N ARG A 136 3.62 21.88 -9.33
CA ARG A 136 3.92 22.07 -10.75
C ARG A 136 3.73 20.79 -11.56
N LYS A 137 4.12 19.65 -10.97
CA LYS A 137 4.02 18.35 -11.64
C LYS A 137 2.58 17.85 -11.66
N ILE A 138 1.91 18.00 -10.53
CA ILE A 138 0.57 17.42 -10.34
C ILE A 138 -0.53 18.26 -10.99
N TRP A 139 -0.47 19.58 -10.79
CA TRP A 139 -1.49 20.54 -11.27
C TRP A 139 -0.87 21.54 -12.21
N LEU A 140 -1.29 21.51 -13.47
CA LEU A 140 -0.66 22.32 -14.50
C LEU A 140 -1.01 23.79 -14.38
N PRO B 6 7.83 -11.26 -24.41
CA PRO B 6 8.52 -11.47 -23.13
C PRO B 6 7.73 -12.38 -22.18
N ALA B 7 8.46 -13.19 -21.42
CA ALA B 7 7.86 -14.17 -20.50
C ALA B 7 7.98 -13.69 -19.05
N TRP B 8 7.01 -14.06 -18.22
CA TRP B 8 7.00 -13.66 -16.80
C TRP B 8 7.34 -14.84 -15.91
N SER B 9 8.07 -14.58 -14.82
CA SER B 9 8.21 -15.59 -13.79
C SER B 9 8.32 -14.94 -12.41
N LEU B 10 7.86 -15.68 -11.41
CA LEU B 10 7.88 -15.21 -10.03
C LEU B 10 9.30 -15.15 -9.50
N HIS B 11 9.64 -14.03 -8.86
CA HIS B 11 10.92 -13.84 -8.18
C HIS B 11 11.14 -14.96 -7.16
N SER B 12 12.37 -15.49 -7.11
CA SER B 12 12.68 -16.65 -6.29
CA SER B 12 12.68 -16.65 -6.29
C SER B 12 12.43 -16.42 -4.79
N ARG B 13 12.64 -15.18 -4.33
CA ARG B 13 12.40 -14.82 -2.93
C ARG B 13 10.92 -14.86 -2.63
N LEU B 14 10.10 -14.40 -3.58
CA LEU B 14 8.64 -14.47 -3.38
C LEU B 14 8.17 -15.92 -3.44
N LYS B 15 8.75 -16.70 -4.34
CA LYS B 15 8.39 -18.11 -4.50
C LYS B 15 8.69 -18.89 -3.21
N GLU B 16 9.86 -18.63 -2.64
CA GLU B 16 10.29 -19.26 -1.40
C GLU B 16 9.37 -18.95 -0.22
N ASP B 17 8.77 -17.76 -0.19
CA ASP B 17 8.01 -17.32 0.99
C ASP B 17 6.50 -17.44 0.85
N THR B 18 6.04 -18.06 -0.23
CA THR B 18 4.59 -18.13 -0.50
C THR B 18 4.10 -19.49 -0.93
N ILE B 19 2.77 -19.63 -0.89
CA ILE B 19 2.07 -20.78 -1.44
C ILE B 19 1.22 -20.22 -2.57
N ASP B 20 1.35 -20.81 -3.76
CA ASP B 20 0.63 -20.37 -4.95
C ASP B 20 -0.80 -20.88 -4.93
N ILE B 21 -1.77 -19.97 -4.98
CA ILE B 21 -3.17 -20.39 -4.90
C ILE B 21 -4.00 -20.13 -6.15
N GLY B 22 -3.48 -19.32 -7.07
CA GLY B 22 -4.15 -19.15 -8.35
C GLY B 22 -3.79 -17.88 -9.07
N ASP B 23 -4.47 -17.63 -10.18
CA ASP B 23 -4.16 -16.49 -11.03
C ASP B 23 -5.38 -15.70 -11.39
N LEU B 24 -5.26 -14.37 -11.29
CA LEU B 24 -6.28 -13.43 -11.75
C LEU B 24 -5.82 -12.92 -13.12
N PRO B 25 -6.66 -12.14 -13.83
CA PRO B 25 -6.29 -11.61 -15.15
C PRO B 25 -4.93 -10.92 -15.25
N LEU B 26 -4.55 -10.17 -14.21
CA LEU B 26 -3.22 -9.56 -14.13
C LEU B 26 -2.30 -10.25 -13.14
N SER B 27 -2.81 -10.51 -11.95
CA SER B 27 -1.95 -10.91 -10.81
C SER B 27 -1.96 -12.38 -10.45
N LYS B 28 -0.77 -12.91 -10.18
CA LYS B 28 -0.65 -14.15 -9.45
C LYS B 28 -1.07 -13.91 -8.01
N VAL B 29 -1.84 -14.84 -7.46
CA VAL B 29 -2.34 -14.74 -6.07
C VAL B 29 -1.62 -15.73 -5.18
N LEU B 30 -1.02 -15.20 -4.12
CA LEU B 30 -0.15 -15.99 -3.25
C LEU B 30 -0.54 -15.84 -1.80
N VAL B 31 -0.35 -16.92 -1.02
CA VAL B 31 -0.51 -16.88 0.43
C VAL B 31 0.88 -16.87 1.05
N ILE B 32 1.14 -15.89 1.91
CA ILE B 32 2.41 -15.82 2.61
C ILE B 32 2.53 -16.95 3.64
N LYS B 33 3.68 -17.62 3.71
N LYS B 33 3.71 -17.57 3.67
CA LYS B 33 3.82 -18.79 4.57
CA LYS B 33 4.12 -18.57 4.67
C LYS B 33 3.86 -18.49 6.08
C LYS B 33 4.46 -17.96 6.04
N ASP B 34 3.99 -17.22 6.44
N ASP B 34 3.58 -17.13 6.55
CA ASP B 34 3.87 -16.77 7.82
CA ASP B 34 3.75 -16.56 7.88
C ASP B 34 2.39 -16.82 8.26
C ASP B 34 2.37 -16.59 8.46
N ALA B 35 2.13 -17.57 9.32
CA ALA B 35 0.79 -17.81 9.85
C ALA B 35 0.37 -16.87 10.97
N ASN B 36 1.23 -15.90 11.34
CA ASN B 36 0.88 -14.89 12.33
C ASN B 36 -0.36 -14.08 11.92
N TYR B 37 -0.53 -13.86 10.61
CA TYR B 37 -1.64 -13.05 10.05
C TYR B 37 -2.15 -13.70 8.78
N PRO B 38 -3.46 -13.56 8.48
CA PRO B 38 -3.94 -13.93 7.14
C PRO B 38 -3.39 -12.94 6.09
N TRP B 39 -2.48 -13.42 5.25
CA TRP B 39 -1.57 -12.53 4.50
C TRP B 39 -1.38 -13.05 3.09
N LEU B 40 -1.78 -12.22 2.13
CA LEU B 40 -1.72 -12.56 0.71
C LEU B 40 -0.80 -11.61 -0.02
N LEU B 41 -0.29 -12.05 -1.17
CA LEU B 41 0.33 -11.15 -2.15
C LEU B 41 -0.41 -11.20 -3.47
N LEU B 42 -0.53 -10.05 -4.12
CA LEU B 42 -0.83 -9.99 -5.57
C LEU B 42 0.45 -9.63 -6.30
N VAL B 43 0.82 -10.43 -7.30
CA VAL B 43 2.03 -10.17 -8.11
C VAL B 43 1.62 -10.04 -9.57
N PRO B 44 1.49 -8.80 -10.07
CA PRO B 44 1.17 -8.58 -11.49
C PRO B 44 2.15 -9.28 -12.43
N ARG B 45 1.61 -9.99 -13.42
CA ARG B 45 2.45 -10.82 -14.29
C ARG B 45 3.00 -10.05 -15.47
N ARG B 46 3.60 -8.89 -15.16
CA ARG B 46 4.27 -8.08 -16.13
C ARG B 46 5.77 -8.20 -15.90
N PRO B 47 6.52 -8.65 -16.92
CA PRO B 47 7.98 -8.71 -16.79
C PRO B 47 8.59 -7.37 -16.43
N ASP B 48 9.54 -7.41 -15.48
CA ASP B 48 10.36 -6.27 -15.07
C ASP B 48 9.65 -5.17 -14.25
N ALA B 49 8.40 -5.42 -13.84
CA ALA B 49 7.67 -4.38 -13.13
C ALA B 49 8.20 -4.31 -11.71
N VAL B 50 8.50 -3.10 -11.26
CA VAL B 50 9.02 -2.85 -9.90
C VAL B 50 8.05 -1.97 -9.10
N GLU B 51 7.62 -0.88 -9.73
CA GLU B 51 6.67 0.09 -9.16
C GLU B 51 5.30 -0.06 -9.81
N ILE B 52 4.23 0.39 -9.14
CA ILE B 52 2.91 0.35 -9.77
C ILE B 52 2.90 1.08 -11.12
N ILE B 53 3.61 2.21 -11.19
CA ILE B 53 3.64 3.05 -12.39
C ILE B 53 4.42 2.39 -13.56
N ASP B 54 5.06 1.25 -13.30
CA ASP B 54 5.68 0.46 -14.39
C ASP B 54 4.65 -0.29 -15.22
N LEU B 55 3.47 -0.53 -14.64
CA LEU B 55 2.39 -1.14 -15.38
C LEU B 55 1.84 -0.13 -16.38
N ASP B 56 1.27 -0.59 -17.49
CA ASP B 56 0.56 0.34 -18.36
C ASP B 56 -0.78 0.74 -17.71
N GLU B 57 -1.45 1.73 -18.28
CA GLU B 57 -2.64 2.31 -17.65
C GLU B 57 -3.73 1.26 -17.42
N VAL B 58 -3.93 0.38 -18.41
CA VAL B 58 -4.94 -0.69 -18.32
C VAL B 58 -4.63 -1.62 -17.17
N GLN B 59 -3.35 -1.97 -17.05
CA GLN B 59 -2.89 -2.87 -16.02
C GLN B 59 -3.02 -2.24 -14.64
N GLN B 60 -2.71 -0.95 -14.53
CA GLN B 60 -2.87 -0.24 -13.24
C GLN B 60 -4.32 -0.29 -12.81
N ALA B 61 -5.24 0.01 -13.74
CA ALA B 61 -6.67 -0.08 -13.43
C ALA B 61 -7.09 -1.47 -12.99
N GLN B 62 -6.60 -2.49 -13.70
CA GLN B 62 -6.88 -3.90 -13.38
C GLN B 62 -6.32 -4.27 -12.01
N LEU B 63 -5.13 -3.77 -11.69
CA LEU B 63 -4.55 -4.03 -10.36
C LEU B 63 -5.50 -3.51 -9.26
N MET B 64 -6.06 -2.32 -9.44
CA MET B 64 -6.99 -1.78 -8.43
C MET B 64 -8.21 -2.69 -8.29
N THR B 65 -8.79 -3.13 -9.42
CA THR B 65 -9.91 -4.07 -9.43
CA THR B 65 -9.93 -4.05 -9.36
C THR B 65 -9.58 -5.34 -8.64
N GLU B 66 -8.37 -5.86 -8.85
CA GLU B 66 -7.94 -7.07 -8.18
C GLU B 66 -7.67 -6.88 -6.69
N ILE B 67 -7.09 -5.73 -6.32
CA ILE B 67 -6.91 -5.38 -4.89
C ILE B 67 -8.29 -5.29 -4.22
N SER B 68 -9.23 -4.65 -4.91
CA SER B 68 -10.60 -4.50 -4.40
C SER B 68 -11.25 -5.86 -4.15
N ARG B 69 -11.21 -6.72 -5.18
CA ARG B 69 -11.84 -8.05 -5.14
C ARG B 69 -11.21 -8.93 -4.04
N VAL B 70 -9.89 -9.00 -4.02
CA VAL B 70 -9.19 -9.86 -3.08
C VAL B 70 -9.29 -9.35 -1.64
N SER B 71 -9.19 -8.03 -1.45
CA SER B 71 -9.24 -7.50 -0.08
C SER B 71 -10.65 -7.65 0.50
N ARG B 72 -11.67 -7.53 -0.35
CA ARG B 72 -13.03 -7.75 0.15
CA ARG B 72 -13.07 -7.76 0.05
C ARG B 72 -13.23 -9.22 0.53
N ALA B 73 -12.74 -10.15 -0.28
CA ALA B 73 -12.85 -11.59 0.03
C ALA B 73 -12.13 -11.92 1.32
N LEU B 74 -10.93 -11.35 1.49
CA LEU B 74 -10.16 -11.55 2.70
C LEU B 74 -10.86 -11.05 3.96
N LYS B 75 -11.47 -9.87 3.89
CA LYS B 75 -12.14 -9.28 5.06
C LYS B 75 -13.39 -10.10 5.41
N GLU B 76 -14.09 -10.57 4.38
CA GLU B 76 -15.28 -11.42 4.57
C GLU B 76 -14.96 -12.74 5.28
N ILE B 77 -13.86 -13.38 4.87
CA ILE B 77 -13.43 -14.66 5.42
C ILE B 77 -12.92 -14.52 6.84
N THR B 78 -12.14 -13.46 7.09
CA THR B 78 -11.45 -13.31 8.36
C THR B 78 -12.23 -12.57 9.41
N LYS B 79 -13.25 -11.82 8.98
CA LYS B 79 -13.92 -10.80 9.82
C LYS B 79 -12.89 -9.96 10.57
N CYS B 80 -11.86 -9.53 9.83
CA CYS B 80 -10.78 -8.77 10.46
C CYS B 80 -11.23 -7.37 10.82
N ASP B 81 -10.52 -6.77 11.75
CA ASP B 81 -10.79 -5.42 12.19
C ASP B 81 -10.36 -4.39 11.14
N LYS B 82 -9.28 -4.68 10.42
CA LYS B 82 -8.71 -3.70 9.49
C LYS B 82 -7.81 -4.37 8.46
N LEU B 83 -7.98 -4.04 7.19
CA LEU B 83 -7.06 -4.50 6.16
C LEU B 83 -5.83 -3.60 6.09
N ASN B 84 -4.68 -4.18 5.76
CA ASN B 84 -3.49 -3.40 5.44
C ASN B 84 -3.07 -3.81 4.02
N ILE B 85 -2.86 -2.82 3.17
CA ILE B 85 -2.57 -3.06 1.75
C ILE B 85 -1.34 -2.22 1.42
N ALA B 86 -0.31 -2.83 0.83
CA ALA B 86 0.94 -2.10 0.63
C ALA B 86 1.77 -2.66 -0.50
N ALA B 87 2.37 -1.75 -1.25
CA ALA B 87 3.42 -2.10 -2.21
C ALA B 87 4.67 -1.43 -1.66
N LEU B 88 5.56 -2.23 -1.10
CA LEU B 88 6.77 -1.73 -0.47
C LEU B 88 7.98 -2.03 -1.37
N GLY B 89 8.45 -3.29 -1.35
CA GLY B 89 9.46 -3.76 -2.30
C GLY B 89 10.87 -3.20 -2.13
N ASN B 90 11.25 -2.91 -0.88
CA ASN B 90 12.58 -2.33 -0.66
C ASN B 90 13.66 -3.37 -0.85
N LEU B 91 13.32 -4.63 -0.63
CA LEU B 91 14.27 -5.74 -0.74
C LEU B 91 14.08 -6.60 -2.01
N VAL B 92 12.84 -6.80 -2.42
CA VAL B 92 12.52 -7.65 -3.58
C VAL B 92 11.97 -6.77 -4.66
N PRO B 93 12.66 -6.71 -5.81
CA PRO B 93 12.35 -5.76 -6.87
C PRO B 93 10.99 -5.96 -7.55
N GLN B 94 10.54 -7.20 -7.64
CA GLN B 94 9.34 -7.54 -8.40
C GLN B 94 8.11 -6.96 -7.71
N LEU B 95 7.35 -6.14 -8.43
CA LEU B 95 6.14 -5.50 -7.87
C LEU B 95 5.25 -6.56 -7.23
N HIS B 96 4.94 -6.35 -5.96
CA HIS B 96 3.99 -7.19 -5.23
C HIS B 96 3.20 -6.38 -4.23
N VAL B 97 1.91 -6.67 -4.12
CA VAL B 97 1.03 -5.95 -3.20
C VAL B 97 0.61 -6.86 -2.06
N HIS B 98 1.04 -6.51 -0.85
CA HIS B 98 0.56 -7.17 0.36
C HIS B 98 -0.89 -6.81 0.62
N ILE B 99 -1.70 -7.81 0.94
CA ILE B 99 -3.07 -7.63 1.41
C ILE B 99 -3.18 -8.48 2.70
N ILE B 100 -3.30 -7.80 3.83
CA ILE B 100 -3.13 -8.43 5.15
C ILE B 100 -4.36 -8.14 6.01
N ALA B 101 -4.93 -9.18 6.63
CA ALA B 101 -6.05 -9.01 7.58
C ALA B 101 -5.49 -8.79 8.98
N ARG B 102 -5.86 -7.68 9.60
CA ARG B 102 -5.35 -7.35 10.94
C ARG B 102 -6.47 -7.46 11.96
N ARG B 103 -6.09 -7.79 13.18
CA ARG B 103 -7.03 -7.91 14.29
C ARG B 103 -6.38 -7.26 15.50
N THR B 104 -7.20 -6.69 16.39
CA THR B 104 -6.69 -6.02 17.59
C THR B 104 -5.90 -6.96 18.50
N GLY B 105 -6.22 -8.26 18.43
CA GLY B 105 -5.52 -9.25 19.22
C GLY B 105 -4.31 -9.87 18.55
N ASP B 106 -3.93 -9.40 17.35
CA ASP B 106 -2.84 -10.07 16.64
C ASP B 106 -1.45 -9.69 17.16
N ALA B 107 -0.44 -10.42 16.70
CA ALA B 107 0.88 -10.37 17.32
C ALA B 107 1.62 -9.04 17.18
N ALA B 108 1.20 -8.21 16.22
CA ALA B 108 1.89 -6.94 15.94
C ALA B 108 1.07 -5.71 16.27
N TRP B 109 -0.22 -5.90 16.54
CA TRP B 109 -1.11 -4.77 16.75
C TRP B 109 -0.61 -3.83 17.86
N PRO B 110 -0.68 -2.49 17.64
CA PRO B 110 -1.25 -1.77 16.48
C PRO B 110 -0.27 -1.44 15.35
N ARG B 111 0.94 -1.98 15.43
CA ARG B 111 2.00 -1.67 14.45
C ARG B 111 1.73 -2.38 13.12
N PRO B 112 2.33 -1.87 12.03
CA PRO B 112 2.41 -2.70 10.82
C PRO B 112 3.17 -3.99 11.09
N VAL B 113 2.83 -5.05 10.35
CA VAL B 113 3.39 -6.37 10.68
C VAL B 113 4.87 -6.57 10.40
N TRP B 114 5.42 -5.84 9.44
CA TRP B 114 6.69 -6.23 8.81
C TRP B 114 7.84 -6.14 9.81
N GLY B 115 8.50 -7.27 10.01
CA GLY B 115 9.66 -7.38 10.91
C GLY B 115 9.37 -7.51 12.38
N VAL B 116 8.10 -7.57 12.76
CA VAL B 116 7.74 -7.57 14.18
C VAL B 116 7.96 -8.94 14.84
N MET B 117 7.40 -9.99 14.24
CA MET B 117 7.50 -11.36 14.78
C MET B 117 8.24 -12.27 13.82
N GLN B 118 8.91 -13.28 14.38
CA GLN B 118 9.44 -14.40 13.60
C GLN B 118 8.26 -15.10 12.91
N PRO B 119 8.44 -15.54 11.65
CA PRO B 119 7.36 -16.22 10.94
C PRO B 119 6.89 -17.51 11.60
N LEU B 120 5.58 -17.73 11.57
CA LEU B 120 4.95 -18.92 12.13
C LEU B 120 4.57 -19.86 10.99
N ALA B 121 4.89 -21.14 11.12
CA ALA B 121 4.50 -22.11 10.10
C ALA B 121 2.99 -22.37 10.12
N HIS B 122 2.38 -22.53 8.95
CA HIS B 122 0.96 -22.85 8.85
C HIS B 122 0.70 -24.28 9.30
N ASP B 123 -0.40 -24.49 9.99
CA ASP B 123 -0.98 -25.82 10.10
C ASP B 123 -1.59 -26.14 8.74
N ALA B 124 -1.31 -27.33 8.21
CA ALA B 124 -1.72 -27.70 6.83
C ALA B 124 -3.23 -27.67 6.62
N THR B 125 -3.97 -28.08 7.64
CA THR B 125 -5.43 -28.11 7.61
C THR B 125 -6.01 -26.69 7.70
N GLU B 126 -5.53 -25.91 8.66
CA GLU B 126 -5.97 -24.51 8.80
C GLU B 126 -5.73 -23.71 7.51
N VAL B 127 -4.56 -23.86 6.90
CA VAL B 127 -4.27 -23.12 5.67
C VAL B 127 -5.05 -23.62 4.46
N GLN B 128 -5.36 -24.92 4.41
CA GLN B 128 -6.19 -25.43 3.31
C GLN B 128 -7.63 -24.95 3.40
N ASN B 129 -8.18 -24.91 4.59
CA ASN B 129 -9.47 -24.30 4.77
C ASN B 129 -9.46 -22.83 4.31
N PHE B 130 -8.44 -22.08 4.70
CA PHE B 130 -8.24 -20.69 4.26
C PHE B 130 -8.17 -20.57 2.74
N ILE B 131 -7.30 -21.36 2.12
CA ILE B 131 -7.18 -21.37 0.67
C ILE B 131 -8.50 -21.73 -0.03
N SER B 132 -9.21 -22.74 0.49
CA SER B 132 -10.51 -23.14 -0.07
C SER B 132 -11.52 -22.01 0.00
N ALA B 133 -11.62 -21.39 1.18
CA ALA B 133 -12.50 -20.24 1.38
C ALA B 133 -12.16 -19.10 0.42
N LEU B 134 -10.87 -18.81 0.24
CA LEU B 134 -10.41 -17.79 -0.71
C LEU B 134 -10.76 -18.11 -2.17
N ARG B 135 -10.51 -19.34 -2.58
CA ARG B 135 -10.79 -19.78 -3.96
C ARG B 135 -12.27 -19.63 -4.32
N ARG B 136 -13.12 -19.88 -3.36
CA ARG B 136 -14.54 -19.83 -3.58
C ARG B 136 -15.02 -18.41 -3.76
N LYS B 137 -14.51 -17.53 -2.92
CA LYS B 137 -14.91 -16.14 -2.97
C LYS B 137 -14.34 -15.37 -4.16
N ILE B 138 -13.06 -15.60 -4.46
CA ILE B 138 -12.37 -14.85 -5.52
C ILE B 138 -12.81 -15.27 -6.92
N TRP B 139 -12.80 -16.58 -7.19
CA TRP B 139 -13.13 -17.13 -8.51
C TRP B 139 -14.51 -17.79 -8.54
#